data_9H76
#
_entry.id   9H76
#
_cell.length_a   1.00
_cell.length_b   1.00
_cell.length_c   1.00
_cell.angle_alpha   90.00
_cell.angle_beta   90.00
_cell.angle_gamma   90.00
#
_symmetry.space_group_name_H-M   'P 1'
#
loop_
_entity.id
_entity.type
_entity.pdbx_description
1 polymer 'Putative amino acid/polyamine transport protein'
2 polymer 'Nanobody NB53'
3 non-polymer ALANINE
#
loop_
_entity_poly.entity_id
_entity_poly.type
_entity_poly.pdbx_seq_one_letter_code
_entity_poly.pdbx_strand_id
1 'polypeptide(L)'
;MKEVSGITALTVVVGTVIGAGIFFKPTAVYGAAGAPGLGLLAWFVAGIITIAGGLTVAEIGTIYPQTGGMMIYLEKVYGR
WLGFLVGWAQMVIYYPANIAALAIIFATQFVNLFALSDSTIVPTAILTSIFLMGVNFLGTKYSGWIQTLATILKLIPLVV
IIVAGLLYPGGGVIRLVPFSVETHPVLTSFGSALIATLFAYDGWINVGTLAGEMKNPGKMLPKVIIGGLSIVMAVYLLTN
IAYLFVLDSSQLAGTDTPAALVASHLFEGIGSKLVTIGILISVFGGINGYIISGLRVPYALATQKMLPFSDWFARINPKT
NLPINGGLVMLGIAIVMILTGQFNQLTDLIVFVIWFFITLTFIAVIILRKTQPDIERPYRVPFYPVIPLIAIIGGLYIIF
NTLIVQPKNAFIGILLTLIGIPIYFYCKKKYGSPE
;
A
2 'polypeptide(L)'
;MAQVQLVESGGGLVQAGGSLRLSCAASGIAFSRMSMAWYRQDPGKQRALVARITNDGSTYYDDSVKGRFTISRDNAKNTV
HLQMNSLKPEDTAVYYCNAQLVAWSENYWGQGTQVTVSSHHHHHHEPEA
;
B
#
# COMPACT_ATOMS: atom_id res chain seq x y z
N GLU A 3 -19.96 2.03 0.99
CA GLU A 3 -20.42 2.35 -0.35
C GLU A 3 -19.55 3.43 -0.97
N VAL A 4 -19.50 3.46 -2.30
CA VAL A 4 -18.72 4.43 -3.04
C VAL A 4 -19.35 4.61 -4.41
N SER A 5 -19.27 5.84 -4.94
CA SER A 5 -19.81 6.11 -6.26
C SER A 5 -19.02 5.36 -7.32
N GLY A 6 -19.69 5.07 -8.44
CA GLY A 6 -19.03 4.34 -9.51
C GLY A 6 -17.80 5.06 -10.02
N ILE A 7 -17.91 6.37 -10.24
CA ILE A 7 -16.75 7.16 -10.69
C ILE A 7 -15.70 7.23 -9.60
N THR A 8 -16.13 7.30 -8.34
CA THR A 8 -15.18 7.31 -7.23
C THR A 8 -14.34 6.04 -7.21
N ALA A 9 -14.99 4.88 -7.39
CA ALA A 9 -14.24 3.63 -7.43
C ALA A 9 -13.31 3.57 -8.64
N LEU A 10 -13.75 4.12 -9.77
CA LEU A 10 -12.90 4.21 -10.95
C LEU A 10 -11.64 4.99 -10.63
N THR A 11 -11.79 6.15 -10.00
CA THR A 11 -10.64 6.97 -9.64
C THR A 11 -9.75 6.24 -8.63
N VAL A 12 -10.36 5.55 -7.67
CA VAL A 12 -9.56 4.81 -6.68
C VAL A 12 -8.70 3.77 -7.37
N VAL A 13 -9.30 3.00 -8.28
CA VAL A 13 -8.57 1.94 -8.98
C VAL A 13 -7.45 2.52 -9.82
N VAL A 14 -7.75 3.58 -10.58
CA VAL A 14 -6.73 4.19 -11.42
C VAL A 14 -5.58 4.70 -10.57
N GLY A 15 -5.90 5.35 -9.45
CA GLY A 15 -4.85 5.85 -8.57
C GLY A 15 -3.99 4.76 -7.99
N THR A 16 -4.60 3.68 -7.50
CA THR A 16 -3.81 2.65 -6.84
C THR A 16 -2.93 1.92 -7.83
N VAL A 17 -3.48 1.54 -9.00
CA VAL A 17 -2.70 0.73 -9.93
C VAL A 17 -1.55 1.54 -10.52
N ILE A 18 -1.84 2.76 -10.99
CA ILE A 18 -0.82 3.59 -11.61
C ILE A 18 0.18 4.03 -10.54
N GLY A 19 1.47 3.94 -10.88
CA GLY A 19 2.51 4.38 -9.99
C GLY A 19 3.78 4.77 -10.72
N ALA A 20 4.93 4.44 -10.14
CA ALA A 20 6.22 4.80 -10.71
C ALA A 20 6.81 3.68 -11.56
N GLY A 21 6.10 2.55 -11.72
CA GLY A 21 6.62 1.49 -12.55
C GLY A 21 6.73 1.88 -14.01
N ILE A 22 5.75 2.63 -14.51
CA ILE A 22 5.75 3.01 -15.93
C ILE A 22 6.97 3.85 -16.28
N PHE A 23 7.50 4.60 -15.31
CA PHE A 23 8.62 5.48 -15.59
C PHE A 23 9.96 4.76 -15.67
N PHE A 24 10.06 3.56 -15.10
CA PHE A 24 11.37 2.92 -14.94
C PHE A 24 11.40 1.51 -15.49
N LYS A 25 10.27 0.83 -15.47
CA LYS A 25 10.21 -0.54 -15.99
C LYS A 25 10.48 -0.64 -17.49
N PRO A 26 10.19 0.36 -18.33
CA PRO A 26 10.55 0.24 -19.76
C PRO A 26 11.97 -0.21 -20.02
N THR A 27 12.92 0.14 -19.15
CA THR A 27 14.28 -0.36 -19.31
C THR A 27 14.29 -1.88 -19.38
N ALA A 28 13.69 -2.54 -18.39
CA ALA A 28 13.69 -4.00 -18.37
C ALA A 28 12.87 -4.57 -19.51
N VAL A 29 11.72 -3.95 -19.80
CA VAL A 29 10.82 -4.48 -20.83
C VAL A 29 11.52 -4.49 -22.18
N TYR A 30 12.19 -3.39 -22.53
CA TYR A 30 12.82 -3.27 -23.83
C TYR A 30 14.25 -3.79 -23.85
N GLY A 31 14.83 -4.12 -22.68
CA GLY A 31 16.07 -4.85 -22.68
C GLY A 31 15.87 -6.34 -22.80
N ALA A 32 14.73 -6.84 -22.33
CA ALA A 32 14.38 -8.24 -22.53
C ALA A 32 13.81 -8.47 -23.91
N ALA A 33 12.71 -7.78 -24.23
CA ALA A 33 12.06 -7.95 -25.53
C ALA A 33 13.02 -7.63 -26.67
N GLY A 34 13.67 -6.47 -26.59
CA GLY A 34 14.63 -6.08 -27.60
C GLY A 34 14.05 -5.46 -28.84
N ALA A 35 12.73 -5.39 -28.96
CA ALA A 35 12.08 -4.80 -30.12
C ALA A 35 10.93 -3.92 -29.66
N PRO A 36 10.64 -2.85 -30.40
CA PRO A 36 9.53 -1.97 -29.99
C PRO A 36 8.19 -2.68 -29.92
N GLY A 37 7.91 -3.58 -30.85
CA GLY A 37 6.60 -4.20 -30.90
C GLY A 37 6.36 -5.25 -29.83
N LEU A 38 7.40 -5.96 -29.42
CA LEU A 38 7.21 -7.02 -28.43
C LEU A 38 6.99 -6.45 -27.04
N GLY A 39 7.61 -5.31 -26.72
CA GLY A 39 7.37 -4.69 -25.43
C GLY A 39 5.93 -4.21 -25.30
N LEU A 40 5.38 -3.63 -26.36
CA LEU A 40 3.98 -3.21 -26.32
C LEU A 40 3.06 -4.41 -26.16
N LEU A 41 3.38 -5.52 -26.83
CA LEU A 41 2.60 -6.73 -26.66
C LEU A 41 2.67 -7.22 -25.22
N ALA A 42 3.85 -7.12 -24.59
CA ALA A 42 3.98 -7.49 -23.20
C ALA A 42 3.10 -6.61 -22.30
N TRP A 43 3.09 -5.31 -22.56
CA TRP A 43 2.23 -4.41 -21.79
C TRP A 43 0.77 -4.79 -21.94
N PHE A 44 0.34 -5.06 -23.17
CA PHE A 44 -1.05 -5.41 -23.43
C PHE A 44 -1.44 -6.73 -22.76
N VAL A 45 -0.57 -7.74 -22.86
CA VAL A 45 -0.86 -9.03 -22.25
C VAL A 45 -0.91 -8.90 -20.73
N ALA A 46 0.01 -8.14 -20.15
CA ALA A 46 -0.01 -7.93 -18.71
C ALA A 46 -1.31 -7.25 -18.28
N GLY A 47 -1.76 -6.28 -19.06
CA GLY A 47 -3.02 -5.63 -18.71
C GLY A 47 -4.22 -6.57 -18.80
N ILE A 48 -4.26 -7.42 -19.84
CA ILE A 48 -5.36 -8.37 -19.97
C ILE A 48 -5.38 -9.33 -18.79
N ILE A 49 -4.20 -9.85 -18.44
CA ILE A 49 -4.09 -10.74 -17.28
C ILE A 49 -4.52 -10.02 -16.01
N THR A 50 -4.14 -8.75 -15.88
CA THR A 50 -4.52 -7.98 -14.70
C THR A 50 -6.03 -7.80 -14.63
N ILE A 51 -6.68 -7.54 -15.76
CA ILE A 51 -8.14 -7.38 -15.77
C ILE A 51 -8.82 -8.68 -15.35
N ALA A 52 -8.38 -9.80 -15.93
CA ALA A 52 -8.97 -11.09 -15.58
C ALA A 52 -8.78 -11.39 -14.10
N GLY A 53 -7.56 -11.15 -13.59
CA GLY A 53 -7.31 -11.38 -12.18
C GLY A 53 -8.11 -10.46 -11.28
N GLY A 54 -8.28 -9.21 -11.71
CA GLY A 54 -9.07 -8.29 -10.92
C GLY A 54 -10.51 -8.74 -10.79
N LEU A 55 -11.12 -9.19 -11.89
CA LEU A 55 -12.48 -9.70 -11.81
C LEU A 55 -12.54 -10.93 -10.91
N THR A 56 -11.61 -11.87 -11.09
CA THR A 56 -11.62 -13.09 -10.29
C THR A 56 -11.48 -12.78 -8.81
N VAL A 57 -10.56 -11.90 -8.45
CA VAL A 57 -10.35 -11.55 -7.05
C VAL A 57 -11.54 -10.77 -6.50
N ALA A 58 -12.17 -9.93 -7.33
CA ALA A 58 -13.33 -9.19 -6.87
C ALA A 58 -14.47 -10.11 -6.51
N GLU A 59 -14.63 -11.22 -7.22
CA GLU A 59 -15.67 -12.17 -6.85
C GLU A 59 -15.51 -12.62 -5.39
N ILE A 60 -14.32 -13.11 -5.03
CA ILE A 60 -14.11 -13.59 -3.67
C ILE A 60 -14.16 -12.43 -2.67
N GLY A 61 -13.67 -11.25 -3.07
CA GLY A 61 -13.77 -10.10 -2.20
C GLY A 61 -15.20 -9.77 -1.82
N THR A 62 -16.11 -9.86 -2.80
CA THR A 62 -17.52 -9.72 -2.49
C THR A 62 -18.01 -10.86 -1.60
N ILE A 63 -17.53 -12.09 -1.86
CA ILE A 63 -17.95 -13.21 -1.04
C ILE A 63 -17.54 -13.00 0.42
N TYR A 64 -16.31 -12.52 0.64
CA TYR A 64 -15.77 -12.31 1.98
C TYR A 64 -15.38 -10.85 2.12
N PRO A 65 -16.33 -9.97 2.48
CA PRO A 65 -16.03 -8.54 2.56
C PRO A 65 -15.20 -8.14 3.75
N GLN A 66 -14.79 -9.08 4.61
CA GLN A 66 -13.98 -8.74 5.76
C GLN A 66 -12.65 -8.13 5.32
N THR A 67 -12.18 -7.15 6.08
CA THR A 67 -10.93 -6.49 5.76
C THR A 67 -9.76 -7.45 5.93
N GLY A 68 -8.70 -7.21 5.16
CA GLY A 68 -7.52 -8.05 5.21
C GLY A 68 -7.07 -8.50 3.84
N GLY A 69 -8.03 -8.80 2.97
CA GLY A 69 -7.69 -9.14 1.59
C GLY A 69 -7.26 -10.59 1.47
N MET A 70 -6.11 -10.79 0.81
CA MET A 70 -5.65 -12.14 0.50
C MET A 70 -5.48 -12.97 1.76
N MET A 71 -5.06 -12.36 2.87
CA MET A 71 -4.96 -13.09 4.12
C MET A 71 -6.29 -13.73 4.48
N ILE A 72 -7.36 -12.94 4.49
CA ILE A 72 -8.67 -13.46 4.85
C ILE A 72 -9.14 -14.48 3.83
N TYR A 73 -8.96 -14.19 2.53
CA TYR A 73 -9.44 -15.09 1.50
C TYR A 73 -8.80 -16.48 1.63
N LEU A 74 -7.48 -16.51 1.73
CA LEU A 74 -6.80 -17.80 1.78
C LEU A 74 -6.98 -18.48 3.12
N GLU A 75 -7.11 -17.70 4.21
CA GLU A 75 -7.45 -18.30 5.49
C GLU A 75 -8.77 -19.03 5.41
N LYS A 76 -9.77 -18.39 4.80
CA LYS A 76 -11.11 -18.98 4.76
C LYS A 76 -11.19 -20.15 3.80
N VAL A 77 -10.45 -20.11 2.69
CA VAL A 77 -10.57 -21.16 1.68
C VAL A 77 -9.66 -22.34 1.98
N TYR A 78 -8.37 -22.09 2.16
CA TYR A 78 -7.42 -23.18 2.36
C TYR A 78 -7.26 -23.52 3.83
N GLY A 79 -6.84 -22.56 4.63
CA GLY A 79 -6.64 -22.81 6.05
C GLY A 79 -5.88 -21.66 6.68
N ARG A 80 -5.83 -21.70 8.01
CA ARG A 80 -5.18 -20.62 8.75
C ARG A 80 -3.69 -20.56 8.42
N TRP A 81 -3.06 -21.72 8.20
CA TRP A 81 -1.63 -21.74 7.92
C TRP A 81 -1.31 -20.95 6.65
N LEU A 82 -2.11 -21.12 5.60
CA LEU A 82 -1.84 -20.39 4.36
C LEU A 82 -2.16 -18.91 4.50
N GLY A 83 -3.17 -18.56 5.30
CA GLY A 83 -3.41 -17.15 5.56
C GLY A 83 -2.22 -16.49 6.25
N PHE A 84 -1.67 -17.15 7.26
CA PHE A 84 -0.47 -16.62 7.89
C PHE A 84 0.68 -16.59 6.91
N LEU A 85 0.77 -17.58 6.03
CA LEU A 85 1.86 -17.60 5.05
C LEU A 85 1.80 -16.40 4.14
N VAL A 86 0.60 -16.04 3.68
CA VAL A 86 0.43 -14.85 2.86
C VAL A 86 0.82 -13.61 3.66
N GLY A 87 0.35 -13.52 4.91
CA GLY A 87 0.69 -12.37 5.72
C GLY A 87 2.18 -12.23 5.92
N TRP A 88 2.85 -13.34 6.19
CA TRP A 88 4.29 -13.32 6.44
C TRP A 88 5.07 -12.97 5.17
N ALA A 89 4.64 -13.51 4.03
CA ALA A 89 5.30 -13.17 2.77
C ALA A 89 5.13 -11.69 2.45
N GLN A 90 3.94 -11.14 2.69
CA GLN A 90 3.76 -9.70 2.52
C GLN A 90 4.60 -8.91 3.50
N MET A 91 4.77 -9.43 4.72
CA MET A 91 5.50 -8.69 5.74
C MET A 91 6.99 -8.67 5.48
N VAL A 92 7.56 -9.76 4.98
CA VAL A 92 9.00 -9.89 4.87
C VAL A 92 9.51 -9.84 3.43
N ILE A 93 8.63 -9.95 2.43
CA ILE A 93 9.08 -9.88 1.05
C ILE A 93 8.38 -8.73 0.33
N TYR A 94 7.06 -8.80 0.23
CA TYR A 94 6.32 -7.88 -0.64
C TYR A 94 6.61 -6.42 -0.29
N TYR A 95 6.28 -6.02 0.93
CA TYR A 95 6.38 -4.61 1.28
C TYR A 95 7.82 -4.17 1.50
N PRO A 96 8.65 -4.94 2.22
CA PRO A 96 10.08 -4.56 2.27
C PRO A 96 10.73 -4.49 0.92
N ALA A 97 10.43 -5.42 0.01
CA ALA A 97 11.08 -5.37 -1.31
C ALA A 97 10.54 -4.21 -2.13
N ASN A 98 9.24 -3.90 -2.02
CA ASN A 98 8.71 -2.74 -2.71
C ASN A 98 9.39 -1.46 -2.21
N ILE A 99 9.52 -1.33 -0.90
CA ILE A 99 10.19 -0.15 -0.34
C ILE A 99 11.63 -0.08 -0.82
N ALA A 100 12.33 -1.21 -0.79
CA ALA A 100 13.73 -1.22 -1.22
C ALA A 100 13.87 -0.84 -2.69
N ALA A 101 13.05 -1.45 -3.55
CA ALA A 101 13.14 -1.17 -4.98
C ALA A 101 12.80 0.28 -5.28
N LEU A 102 11.75 0.81 -4.66
CA LEU A 102 11.37 2.19 -4.93
C LEU A 102 12.38 3.17 -4.37
N ALA A 103 12.98 2.85 -3.22
CA ALA A 103 14.04 3.71 -2.69
C ALA A 103 15.26 3.69 -3.61
N ILE A 104 15.61 2.52 -4.14
CA ILE A 104 16.75 2.43 -5.05
C ILE A 104 16.48 3.25 -6.30
N ILE A 105 15.28 3.13 -6.87
CA ILE A 105 14.98 3.88 -8.08
C ILE A 105 14.87 5.38 -7.80
N PHE A 106 14.36 5.75 -6.62
CA PHE A 106 14.34 7.16 -6.23
C PHE A 106 15.76 7.72 -6.16
N ALA A 107 16.66 6.96 -5.54
CA ALA A 107 18.06 7.39 -5.47
C ALA A 107 18.67 7.50 -6.86
N THR A 108 18.38 6.53 -7.73
CA THR A 108 18.94 6.57 -9.08
C THR A 108 18.45 7.80 -9.84
N GLN A 109 17.15 8.07 -9.78
CA GLN A 109 16.60 9.24 -10.46
C GLN A 109 17.14 10.53 -9.87
N PHE A 110 17.29 10.58 -8.54
CA PHE A 110 17.84 11.76 -7.89
C PHE A 110 19.27 12.02 -8.35
N VAL A 111 20.09 10.97 -8.39
CA VAL A 111 21.47 11.10 -8.86
C VAL A 111 21.50 11.56 -10.30
N ASN A 112 20.66 10.97 -11.15
CA ASN A 112 20.63 11.39 -12.55
C ASN A 112 20.23 12.86 -12.69
N LEU A 113 19.22 13.29 -11.92
CA LEU A 113 18.77 14.67 -11.98
C LEU A 113 19.86 15.64 -11.54
N PHE A 114 20.54 15.32 -10.43
CA PHE A 114 21.54 16.21 -9.88
C PHE A 114 22.96 15.85 -10.30
N ALA A 115 23.13 14.86 -11.18
CA ALA A 115 24.44 14.51 -11.73
C ALA A 115 25.45 14.23 -10.64
N LEU A 116 25.04 13.50 -9.60
CA LEU A 116 25.94 13.09 -8.55
C LEU A 116 26.60 11.75 -8.91
N SER A 117 27.54 11.33 -8.08
CA SER A 117 28.22 10.06 -8.32
C SER A 117 27.27 8.90 -8.10
N ASP A 118 27.48 7.82 -8.86
CA ASP A 118 26.68 6.62 -8.72
C ASP A 118 26.92 5.92 -7.39
N SER A 119 27.99 6.25 -6.68
CA SER A 119 28.29 5.62 -5.40
C SER A 119 27.34 6.07 -4.29
N THR A 120 26.57 7.14 -4.51
CA THR A 120 25.66 7.66 -3.51
C THR A 120 24.24 7.12 -3.66
N ILE A 121 24.02 6.18 -4.58
CA ILE A 121 22.67 5.65 -4.79
C ILE A 121 22.21 4.88 -3.55
N VAL A 122 23.05 3.99 -3.04
CA VAL A 122 22.68 3.18 -1.87
C VAL A 122 22.53 4.05 -0.64
N PRO A 123 23.48 4.94 -0.31
CA PRO A 123 23.25 5.83 0.85
C PRO A 123 22.00 6.67 0.71
N THR A 124 21.73 7.20 -0.49
CA THR A 124 20.51 7.96 -0.69
C THR A 124 19.28 7.11 -0.41
N ALA A 125 19.13 6.01 -1.16
CA ALA A 125 18.01 5.09 -0.95
C ALA A 125 17.78 4.77 0.51
N ILE A 126 18.85 4.48 1.25
CA ILE A 126 18.70 4.17 2.67
C ILE A 126 18.17 5.37 3.44
N LEU A 127 18.74 6.56 3.17
CA LEU A 127 18.32 7.75 3.88
C LEU A 127 16.85 8.08 3.60
N THR A 128 16.44 7.98 2.35
CA THR A 128 15.05 8.30 2.01
C THR A 128 14.08 7.28 2.60
N SER A 129 14.46 5.99 2.62
CA SER A 129 13.60 5.00 3.25
C SER A 129 13.46 5.27 4.73
N ILE A 130 14.57 5.58 5.42
CA ILE A 130 14.50 5.87 6.85
C ILE A 130 13.66 7.12 7.10
N PHE A 131 13.85 8.16 6.28
CA PHE A 131 13.11 9.39 6.47
C PHE A 131 11.61 9.17 6.28
N LEU A 132 11.23 8.42 5.24
CA LEU A 132 9.81 8.18 5.00
C LEU A 132 9.21 7.32 6.11
N MET A 133 9.94 6.32 6.60
CA MET A 133 9.44 5.54 7.72
C MET A 133 9.25 6.40 8.96
N GLY A 134 10.23 7.27 9.25
CA GLY A 134 10.10 8.16 10.38
C GLY A 134 8.91 9.10 10.25
N VAL A 135 8.70 9.63 9.03
CA VAL A 135 7.56 10.50 8.79
C VAL A 135 6.25 9.75 9.03
N ASN A 136 6.17 8.51 8.54
CA ASN A 136 4.98 7.70 8.79
C ASN A 136 4.82 7.35 10.26
N PHE A 137 5.90 7.40 11.04
CA PHE A 137 5.80 7.16 12.48
C PHE A 137 5.23 8.33 13.25
N LEU A 138 5.05 9.49 12.62
CA LEU A 138 4.50 10.68 13.27
C LEU A 138 3.00 10.82 13.05
N GLY A 139 2.29 9.72 12.90
CA GLY A 139 0.86 9.78 12.71
C GLY A 139 0.46 9.75 11.25
N THR A 140 -0.86 9.75 11.04
CA THR A 140 -1.42 9.64 9.70
C THR A 140 -1.57 10.97 8.99
N LYS A 141 -1.34 12.09 9.68
CA LYS A 141 -1.55 13.39 9.06
C LYS A 141 -0.57 13.65 7.92
N TYR A 142 0.72 13.58 8.21
CA TYR A 142 1.73 13.83 7.20
C TYR A 142 1.70 12.77 6.10
N SER A 143 1.50 11.51 6.49
CA SER A 143 1.41 10.45 5.49
C SER A 143 0.23 10.67 4.55
N GLY A 144 -0.92 11.07 5.10
CA GLY A 144 -2.06 11.36 4.24
C GLY A 144 -1.83 12.55 3.34
N TRP A 145 -1.19 13.60 3.87
CA TRP A 145 -0.87 14.75 3.04
C TRP A 145 0.02 14.36 1.87
N ILE A 146 1.07 13.57 2.16
CA ILE A 146 1.97 13.12 1.10
C ILE A 146 1.21 12.26 0.10
N GLN A 147 0.34 11.37 0.59
CA GLN A 147 -0.42 10.51 -0.31
C GLN A 147 -1.28 11.32 -1.26
N THR A 148 -2.01 12.30 -0.73
CA THR A 148 -2.88 13.11 -1.59
C THR A 148 -2.06 13.91 -2.59
N LEU A 149 -0.98 14.53 -2.13
CA LEU A 149 -0.18 15.36 -3.02
C LEU A 149 0.44 14.53 -4.14
N ALA A 150 0.98 13.36 -3.80
CA ALA A 150 1.59 12.50 -4.80
C ALA A 150 0.56 11.95 -5.76
N THR A 151 -0.63 11.57 -5.25
CA THR A 151 -1.67 11.07 -6.13
C THR A 151 -2.10 12.13 -7.14
N ILE A 152 -2.23 13.38 -6.68
CA ILE A 152 -2.57 14.46 -7.58
C ILE A 152 -1.46 14.69 -8.60
N LEU A 153 -0.21 14.68 -8.14
CA LEU A 153 0.90 15.15 -8.97
C LEU A 153 1.42 14.11 -9.95
N LYS A 154 1.29 12.82 -9.63
CA LYS A 154 1.89 11.80 -10.48
C LYS A 154 1.20 11.68 -11.84
N LEU A 155 -0.02 12.20 -11.98
CA LEU A 155 -0.69 12.16 -13.27
C LEU A 155 -0.15 13.23 -14.22
N ILE A 156 0.37 14.33 -13.68
CA ILE A 156 0.85 15.42 -14.53
C ILE A 156 2.00 14.97 -15.43
N PRO A 157 3.09 14.37 -14.93
CA PRO A 157 4.16 13.96 -15.84
C PRO A 157 3.72 12.95 -16.87
N LEU A 158 2.83 12.03 -16.50
CA LEU A 158 2.36 11.03 -17.45
C LEU A 158 1.62 11.70 -18.61
N VAL A 159 0.68 12.59 -18.28
CA VAL A 159 -0.10 13.26 -19.32
C VAL A 159 0.81 14.12 -20.19
N VAL A 160 1.74 14.84 -19.56
CA VAL A 160 2.64 15.71 -20.31
C VAL A 160 3.50 14.91 -21.27
N ILE A 161 4.06 13.80 -20.78
CA ILE A 161 4.91 12.95 -21.62
C ILE A 161 4.10 12.36 -22.77
N ILE A 162 2.89 11.86 -22.48
CA ILE A 162 2.06 11.28 -23.53
C ILE A 162 1.78 12.32 -24.61
N VAL A 163 1.31 13.50 -24.20
CA VAL A 163 0.93 14.52 -25.16
C VAL A 163 2.12 14.96 -26.00
N ALA A 164 3.28 15.19 -25.36
CA ALA A 164 4.44 15.67 -26.10
C ALA A 164 5.00 14.59 -27.03
N GLY A 165 5.16 13.38 -26.52
CA GLY A 165 5.75 12.33 -27.34
C GLY A 165 4.88 11.94 -28.51
N LEU A 166 3.56 11.86 -28.29
CA LEU A 166 2.68 11.50 -29.39
C LEU A 166 2.74 12.52 -30.53
N LEU A 167 3.15 13.75 -30.25
CA LEU A 167 3.31 14.79 -31.26
C LEU A 167 4.78 15.07 -31.56
N TYR A 168 5.67 14.13 -31.28
CA TYR A 168 7.09 14.35 -31.49
C TYR A 168 7.40 14.44 -32.99
N PRO A 169 8.40 15.23 -33.37
CA PRO A 169 8.75 15.33 -34.79
C PRO A 169 9.41 14.06 -35.32
N GLY A 170 8.59 13.08 -35.69
CA GLY A 170 9.09 11.83 -36.22
C GLY A 170 8.27 10.64 -35.82
N GLY A 171 7.28 10.85 -34.94
CA GLY A 171 6.44 9.75 -34.50
C GLY A 171 5.67 9.14 -35.65
N GLY A 172 5.45 7.84 -35.56
CA GLY A 172 4.73 7.13 -36.59
C GLY A 172 4.80 5.63 -36.34
N VAL A 173 4.05 4.89 -37.16
CA VAL A 173 4.01 3.44 -37.04
C VAL A 173 5.39 2.85 -37.25
N ILE A 174 6.25 3.54 -38.02
CA ILE A 174 7.60 3.03 -38.27
C ILE A 174 8.37 2.89 -36.97
N ARG A 175 8.03 3.67 -35.94
CA ARG A 175 8.74 3.60 -34.67
C ARG A 175 8.42 2.32 -33.89
N LEU A 176 7.47 1.52 -34.34
CA LEU A 176 7.04 0.32 -33.63
C LEU A 176 7.40 -0.95 -34.42
N VAL A 177 8.59 -0.97 -35.01
CA VAL A 177 9.05 -2.11 -35.79
C VAL A 177 10.44 -2.50 -35.30
N PRO A 178 10.88 -3.75 -35.54
CA PRO A 178 10.23 -4.83 -36.28
C PRO A 178 9.49 -5.84 -35.42
N PHE A 179 9.21 -5.51 -34.15
CA PHE A 179 8.44 -6.35 -33.24
C PHE A 179 9.25 -7.56 -32.77
N SER A 180 10.40 -7.83 -33.37
CA SER A 180 11.22 -8.96 -32.96
C SER A 180 12.60 -8.83 -33.57
N VAL A 181 13.61 -9.18 -32.78
CA VAL A 181 15.00 -9.23 -33.23
C VAL A 181 15.50 -10.63 -33.01
N GLU A 182 16.19 -11.19 -34.02
CA GLU A 182 16.63 -12.57 -33.95
C GLU A 182 17.51 -12.82 -32.74
N THR A 183 18.25 -11.81 -32.29
CA THR A 183 19.10 -11.98 -31.12
C THR A 183 18.29 -12.29 -29.86
N HIS A 184 17.03 -11.86 -29.82
CA HIS A 184 16.16 -12.09 -28.66
C HIS A 184 15.01 -12.99 -29.08
N PRO A 185 15.06 -14.29 -28.80
CA PRO A 185 13.95 -15.17 -29.15
C PRO A 185 12.67 -14.75 -28.44
N VAL A 186 11.54 -14.89 -29.14
CA VAL A 186 10.27 -14.44 -28.59
C VAL A 186 9.90 -15.23 -27.35
N LEU A 187 10.08 -16.55 -27.39
CA LEU A 187 9.61 -17.40 -26.29
C LEU A 187 10.30 -17.05 -24.98
N THR A 188 11.63 -16.96 -24.99
CA THR A 188 12.36 -16.78 -23.74
C THR A 188 12.24 -15.34 -23.23
N SER A 189 12.36 -14.36 -24.12
CA SER A 189 12.38 -12.96 -23.70
C SER A 189 11.01 -12.44 -23.31
N PHE A 190 9.94 -13.01 -23.89
CA PHE A 190 8.61 -12.51 -23.60
C PHE A 190 8.24 -12.70 -22.13
N GLY A 191 8.72 -13.77 -21.50
CA GLY A 191 8.43 -13.95 -20.08
C GLY A 191 9.03 -12.84 -19.24
N SER A 192 10.29 -12.51 -19.48
CA SER A 192 10.94 -11.43 -18.74
C SER A 192 10.25 -10.11 -19.00
N ALA A 193 9.89 -9.83 -20.26
CA ALA A 193 9.16 -8.62 -20.56
C ALA A 193 7.82 -8.57 -19.83
N LEU A 194 7.14 -9.71 -19.77
CA LEU A 194 5.84 -9.77 -19.09
C LEU A 194 5.98 -9.50 -17.61
N ILE A 195 7.00 -10.07 -16.96
CA ILE A 195 7.20 -9.79 -15.54
C ILE A 195 7.52 -8.31 -15.33
N ALA A 196 8.39 -7.76 -16.16
CA ALA A 196 8.75 -6.36 -16.01
C ALA A 196 7.52 -5.46 -16.13
N THR A 197 6.65 -5.74 -17.10
CA THR A 197 5.41 -4.98 -17.22
C THR A 197 4.49 -5.24 -16.02
N LEU A 198 4.46 -6.47 -15.53
CA LEU A 198 3.54 -6.82 -14.46
C LEU A 198 3.86 -6.08 -13.18
N PHE A 199 5.13 -5.76 -12.94
CA PHE A 199 5.42 -4.92 -11.79
C PHE A 199 4.72 -3.57 -11.91
N ALA A 200 4.70 -3.00 -13.11
CA ALA A 200 4.04 -1.71 -13.30
C ALA A 200 2.54 -1.76 -13.03
N TYR A 201 1.94 -2.95 -13.09
CA TYR A 201 0.53 -3.13 -12.80
C TYR A 201 0.26 -3.51 -11.35
N ASP A 202 1.29 -3.57 -10.51
CA ASP A 202 1.10 -4.04 -9.15
C ASP A 202 0.20 -3.08 -8.38
N GLY A 203 -0.51 -3.64 -7.39
CA GLY A 203 -1.45 -2.90 -6.60
C GLY A 203 -2.91 -3.12 -6.97
N TRP A 204 -3.18 -3.81 -8.09
CA TRP A 204 -4.55 -4.10 -8.48
C TRP A 204 -5.24 -5.08 -7.55
N ILE A 205 -4.50 -5.74 -6.66
CA ILE A 205 -5.11 -6.72 -5.76
C ILE A 205 -6.06 -6.07 -4.76
N ASN A 206 -6.00 -4.74 -4.61
CA ASN A 206 -6.90 -4.06 -3.70
C ASN A 206 -8.31 -3.95 -4.23
N VAL A 207 -8.56 -4.35 -5.49
CA VAL A 207 -9.92 -4.37 -6.00
C VAL A 207 -10.76 -5.34 -5.20
N GLY A 208 -10.18 -6.47 -4.79
CA GLY A 208 -10.91 -7.41 -3.96
C GLY A 208 -11.30 -6.81 -2.62
N THR A 209 -10.38 -6.09 -1.98
CA THR A 209 -10.68 -5.43 -0.72
C THR A 209 -11.77 -4.37 -0.90
N LEU A 210 -11.68 -3.58 -1.97
CA LEU A 210 -12.68 -2.54 -2.22
C LEU A 210 -14.03 -3.13 -2.63
N ALA A 211 -14.05 -4.38 -3.11
CA ALA A 211 -15.31 -4.99 -3.53
C ALA A 211 -16.31 -5.07 -2.37
N GLY A 212 -15.84 -5.48 -1.19
CA GLY A 212 -16.73 -5.53 -0.05
C GLY A 212 -17.28 -4.16 0.33
N GLU A 213 -16.45 -3.12 0.17
CA GLU A 213 -16.90 -1.77 0.50
C GLU A 213 -17.89 -1.25 -0.54
N MET A 214 -17.78 -1.70 -1.79
CA MET A 214 -18.59 -1.15 -2.88
C MET A 214 -20.07 -1.19 -2.55
N LYS A 215 -20.80 -0.19 -3.04
CA LYS A 215 -22.22 -0.02 -2.71
C LYS A 215 -23.02 -1.22 -3.18
N ASN A 216 -23.10 -1.42 -4.50
CA ASN A 216 -24.00 -2.41 -5.09
C ASN A 216 -23.22 -3.24 -6.11
N PRO A 217 -22.40 -4.18 -5.64
CA PRO A 217 -21.67 -5.05 -6.56
C PRO A 217 -22.62 -5.79 -7.50
N GLY A 218 -22.03 -6.36 -8.54
CA GLY A 218 -22.76 -7.13 -9.51
C GLY A 218 -23.23 -6.35 -10.72
N LYS A 219 -23.31 -5.03 -10.61
CA LYS A 219 -23.61 -4.16 -11.74
C LYS A 219 -22.59 -3.05 -11.90
N MET A 220 -22.07 -2.51 -10.80
CA MET A 220 -21.03 -1.50 -10.87
C MET A 220 -19.63 -2.10 -10.76
N LEU A 221 -19.46 -3.17 -9.99
CA LEU A 221 -18.15 -3.78 -9.84
C LEU A 221 -17.54 -4.23 -11.16
N PRO A 222 -18.24 -4.98 -12.03
CA PRO A 222 -17.60 -5.36 -13.31
C PRO A 222 -17.25 -4.14 -14.15
N LYS A 223 -18.18 -3.21 -14.29
CA LYS A 223 -17.90 -2.00 -15.06
C LYS A 223 -16.76 -1.21 -14.44
N VAL A 224 -16.77 -1.05 -13.12
CA VAL A 224 -15.73 -0.27 -12.46
C VAL A 224 -14.35 -0.89 -12.69
N ILE A 225 -14.24 -2.20 -12.46
CA ILE A 225 -12.95 -2.86 -12.59
C ILE A 225 -12.46 -2.83 -14.04
N ILE A 226 -13.34 -3.19 -14.98
CA ILE A 226 -12.94 -3.22 -16.37
C ILE A 226 -12.53 -1.84 -16.83
N GLY A 227 -13.32 -0.82 -16.49
CA GLY A 227 -12.99 0.54 -16.91
C GLY A 227 -11.68 1.02 -16.31
N GLY A 228 -11.48 0.79 -15.02
CA GLY A 228 -10.27 1.28 -14.38
C GLY A 228 -9.02 0.61 -14.92
N LEU A 229 -9.06 -0.71 -15.04
CA LEU A 229 -7.88 -1.42 -15.52
C LEU A 229 -7.66 -1.19 -17.01
N SER A 230 -8.73 -0.99 -17.78
CA SER A 230 -8.56 -0.64 -19.19
C SER A 230 -7.97 0.75 -19.35
N ILE A 231 -8.37 1.69 -18.49
CA ILE A 231 -7.78 3.02 -18.51
C ILE A 231 -6.30 2.94 -18.16
N VAL A 232 -5.95 2.13 -17.16
CA VAL A 232 -4.55 1.95 -16.80
C VAL A 232 -3.77 1.37 -17.98
N MET A 233 -4.33 0.34 -18.61
CA MET A 233 -3.66 -0.29 -19.75
C MET A 233 -3.49 0.70 -20.89
N ALA A 234 -4.52 1.50 -21.18
CA ALA A 234 -4.42 2.48 -22.26
C ALA A 234 -3.38 3.54 -21.94
N VAL A 235 -3.33 4.00 -20.70
CA VAL A 235 -2.33 4.98 -20.30
C VAL A 235 -0.93 4.40 -20.47
N TYR A 236 -0.73 3.16 -20.04
CA TYR A 236 0.58 2.53 -20.17
C TYR A 236 0.97 2.36 -21.63
N LEU A 237 0.02 1.93 -22.47
CA LEU A 237 0.31 1.76 -23.89
C LEU A 237 0.65 3.09 -24.55
N LEU A 238 -0.10 4.14 -24.23
CA LEU A 238 0.18 5.45 -24.81
C LEU A 238 1.53 5.98 -24.35
N THR A 239 1.86 5.78 -23.07
CA THR A 239 3.17 6.21 -22.59
C THR A 239 4.30 5.46 -23.28
N ASN A 240 4.14 4.15 -23.47
CA ASN A 240 5.17 3.39 -24.15
C ASN A 240 5.29 3.80 -25.61
N ILE A 241 4.17 4.11 -26.26
CA ILE A 241 4.21 4.59 -27.64
C ILE A 241 4.94 5.93 -27.69
N ALA A 242 4.70 6.81 -26.71
CA ALA A 242 5.43 8.06 -26.66
C ALA A 242 6.93 7.83 -26.47
N TYR A 243 7.29 6.90 -25.59
CA TYR A 243 8.70 6.56 -25.39
C TYR A 243 9.33 6.11 -26.70
N LEU A 244 8.66 5.19 -27.39
CA LEU A 244 9.20 4.67 -28.66
C LEU A 244 9.27 5.76 -29.73
N PHE A 245 8.33 6.71 -29.71
CA PHE A 245 8.41 7.83 -30.62
C PHE A 245 9.62 8.70 -30.34
N VAL A 246 9.92 8.93 -29.06
CA VAL A 246 11.06 9.77 -28.71
C VAL A 246 12.36 8.99 -28.78
N LEU A 247 12.39 7.78 -28.24
CA LEU A 247 13.60 6.97 -28.17
C LEU A 247 13.40 5.64 -28.86
N ASP A 248 14.51 4.98 -29.18
CA ASP A 248 14.45 3.63 -29.71
C ASP A 248 14.36 2.62 -28.57
N SER A 249 14.08 1.36 -28.93
CA SER A 249 14.06 0.31 -27.92
C SER A 249 15.42 0.14 -27.27
N SER A 250 16.49 0.17 -28.08
CA SER A 250 17.83 0.04 -27.53
C SER A 250 18.17 1.20 -26.61
N GLN A 251 17.77 2.42 -26.99
CA GLN A 251 18.05 3.58 -26.14
C GLN A 251 17.33 3.46 -24.81
N LEU A 252 16.08 3.02 -24.82
CA LEU A 252 15.34 2.82 -23.57
C LEU A 252 16.00 1.75 -22.72
N ALA A 253 16.42 0.64 -23.34
CA ALA A 253 17.06 -0.44 -22.60
C ALA A 253 18.43 -0.05 -22.08
N GLY A 254 19.08 0.94 -22.67
CA GLY A 254 20.41 1.35 -22.27
C GLY A 254 20.47 2.34 -21.13
N THR A 255 19.33 2.80 -20.63
CA THR A 255 19.31 3.75 -19.54
C THR A 255 18.42 3.22 -18.41
N ASP A 256 18.77 3.59 -17.18
CA ASP A 256 18.01 3.18 -16.01
C ASP A 256 16.85 4.11 -15.70
N THR A 257 16.73 5.22 -16.42
CA THR A 257 15.66 6.21 -16.20
C THR A 257 15.08 6.60 -17.55
N PRO A 258 14.31 5.71 -18.19
CA PRO A 258 13.76 6.04 -19.51
C PRO A 258 12.90 7.29 -19.52
N ALA A 259 12.10 7.47 -18.47
CA ALA A 259 11.22 8.64 -18.41
C ALA A 259 12.03 9.92 -18.35
N ALA A 260 13.12 9.93 -17.57
CA ALA A 260 13.96 11.12 -17.47
C ALA A 260 14.60 11.44 -18.82
N LEU A 261 15.10 10.43 -19.51
CA LEU A 261 15.72 10.66 -20.82
C LEU A 261 14.71 11.17 -21.83
N VAL A 262 13.50 10.58 -21.84
CA VAL A 262 12.46 11.04 -22.75
C VAL A 262 12.09 12.48 -22.45
N ALA A 263 11.96 12.82 -21.16
CA ALA A 263 11.64 14.20 -20.78
C ALA A 263 12.74 15.16 -21.22
N SER A 264 14.01 14.75 -21.07
CA SER A 264 15.10 15.59 -21.51
C SER A 264 15.04 15.83 -23.01
N HIS A 265 14.70 14.79 -23.78
CA HIS A 265 14.59 14.95 -25.22
C HIS A 265 13.40 15.81 -25.60
N LEU A 266 12.32 15.76 -24.81
CA LEU A 266 11.09 16.46 -25.19
C LEU A 266 11.12 17.94 -24.79
N PHE A 267 11.44 18.22 -23.54
CA PHE A 267 11.29 19.56 -22.98
C PHE A 267 12.61 20.13 -22.49
N GLU A 268 13.65 20.08 -23.33
CA GLU A 268 14.97 20.58 -22.96
C GLU A 268 14.86 21.92 -22.25
N GLY A 269 15.74 22.14 -21.27
CA GLY A 269 15.64 23.33 -20.45
C GLY A 269 15.13 23.01 -19.06
N ILE A 270 14.05 23.69 -18.64
CA ILE A 270 13.50 23.46 -17.31
C ILE A 270 12.35 22.45 -17.30
N GLY A 271 11.71 22.21 -18.45
CA GLY A 271 10.63 21.26 -18.49
C GLY A 271 11.08 19.85 -18.13
N SER A 272 12.27 19.47 -18.61
CA SER A 272 12.81 18.17 -18.26
C SER A 272 13.02 18.04 -16.75
N LYS A 273 13.57 19.09 -16.13
CA LYS A 273 13.77 19.07 -14.69
C LYS A 273 12.44 18.97 -13.94
N LEU A 274 11.43 19.69 -14.41
CA LEU A 274 10.12 19.62 -13.76
C LEU A 274 9.51 18.22 -13.90
N VAL A 275 9.63 17.60 -15.07
CA VAL A 275 9.09 16.26 -15.25
C VAL A 275 9.84 15.26 -14.38
N THR A 276 11.16 15.41 -14.28
CA THR A 276 11.95 14.56 -13.40
C THR A 276 11.53 14.71 -11.94
N ILE A 277 11.27 15.95 -11.52
CA ILE A 277 10.81 16.19 -10.15
C ILE A 277 9.44 15.55 -9.93
N GLY A 278 8.58 15.61 -10.95
CA GLY A 278 7.29 14.94 -10.85
C GLY A 278 7.44 13.43 -10.71
N ILE A 279 8.37 12.85 -11.46
CA ILE A 279 8.62 11.41 -11.34
C ILE A 279 9.12 11.07 -9.95
N LEU A 280 10.03 11.91 -9.41
CA LEU A 280 10.53 11.68 -8.06
C LEU A 280 9.41 11.78 -7.04
N ILE A 281 8.50 12.74 -7.22
CA ILE A 281 7.37 12.87 -6.31
C ILE A 281 6.48 11.64 -6.38
N SER A 282 6.26 11.12 -7.59
CA SER A 282 5.46 9.91 -7.73
C SER A 282 6.11 8.74 -7.01
N VAL A 283 7.44 8.60 -7.13
CA VAL A 283 8.14 7.53 -6.43
C VAL A 283 8.02 7.71 -4.92
N PHE A 284 8.14 8.96 -4.45
CA PHE A 284 8.00 9.24 -3.03
C PHE A 284 6.63 8.82 -2.53
N GLY A 285 5.58 9.17 -3.27
CA GLY A 285 4.24 8.78 -2.88
C GLY A 285 4.04 7.29 -2.90
N GLY A 286 4.63 6.62 -3.88
CA GLY A 286 4.57 5.16 -3.91
C GLY A 286 5.21 4.54 -2.68
N ILE A 287 6.39 5.04 -2.30
CA ILE A 287 7.06 4.51 -1.11
C ILE A 287 6.21 4.75 0.12
N ASN A 288 5.61 5.95 0.22
CA ASN A 288 4.77 6.26 1.38
C ASN A 288 3.56 5.33 1.47
N GLY A 289 2.89 5.12 0.34
CA GLY A 289 1.74 4.23 0.33
C GLY A 289 2.11 2.80 0.68
N TYR A 290 3.24 2.33 0.15
CA TYR A 290 3.71 0.99 0.50
C TYR A 290 4.04 0.90 1.98
N ILE A 291 4.64 1.95 2.54
CA ILE A 291 4.95 1.94 3.96
C ILE A 291 3.68 1.84 4.78
N ILE A 292 2.64 2.60 4.42
CA ILE A 292 1.38 2.55 5.17
C ILE A 292 0.78 1.15 5.10
N SER A 293 0.65 0.63 3.88
CA SER A 293 0.02 -0.68 3.70
C SER A 293 0.81 -1.77 4.42
N GLY A 294 2.15 -1.69 4.33
CA GLY A 294 2.97 -2.66 5.02
C GLY A 294 2.84 -2.58 6.53
N LEU A 295 2.86 -1.36 7.08
CA LEU A 295 2.66 -1.18 8.51
C LEU A 295 1.37 -1.83 8.97
N ARG A 296 0.34 -1.79 8.11
CA ARG A 296 -0.94 -2.38 8.49
C ARG A 296 -0.87 -3.90 8.66
N VAL A 297 0.14 -4.57 8.09
CA VAL A 297 0.19 -6.03 8.06
C VAL A 297 0.67 -6.65 9.37
N PRO A 298 1.84 -6.27 9.91
CA PRO A 298 2.29 -6.92 11.16
C PRO A 298 1.32 -6.77 12.30
N TYR A 299 0.59 -5.66 12.36
CA TYR A 299 -0.44 -5.52 13.38
C TYR A 299 -1.52 -6.59 13.21
N ALA A 300 -1.95 -6.82 11.96
CA ALA A 300 -2.96 -7.85 11.71
C ALA A 300 -2.44 -9.22 12.09
N LEU A 301 -1.18 -9.51 11.77
CA LEU A 301 -0.61 -10.81 12.11
C LEU A 301 -0.47 -10.99 13.61
N ALA A 302 -0.05 -9.94 14.32
CA ALA A 302 0.21 -10.05 15.75
C ALA A 302 -1.08 -10.12 16.56
N THR A 303 -2.09 -9.33 16.20
CA THR A 303 -3.35 -9.35 16.92
C THR A 303 -4.00 -10.73 16.88
N GLN A 304 -3.64 -11.56 15.91
CA GLN A 304 -4.08 -12.94 15.86
C GLN A 304 -3.06 -13.89 16.48
N LYS A 305 -2.06 -13.34 17.17
CA LYS A 305 -1.00 -14.13 17.80
C LYS A 305 -0.44 -15.15 16.82
N MET A 306 0.10 -14.63 15.72
CA MET A 306 0.68 -15.46 14.70
C MET A 306 2.18 -15.24 14.52
N LEU A 307 2.75 -14.20 15.10
CA LEU A 307 4.16 -13.89 14.97
C LEU A 307 4.87 -14.00 16.30
N PRO A 308 6.20 -14.15 16.31
CA PRO A 308 6.94 -14.17 17.56
C PRO A 308 6.87 -12.82 18.25
N PHE A 309 6.83 -12.86 19.58
CA PHE A 309 6.71 -11.64 20.38
C PHE A 309 5.54 -10.81 19.90
N SER A 310 4.38 -11.47 19.72
CA SER A 310 3.21 -10.81 19.18
C SER A 310 2.83 -9.59 20.01
N ASP A 311 3.09 -9.63 21.32
CA ASP A 311 2.85 -8.44 22.14
C ASP A 311 3.72 -7.29 21.69
N TRP A 312 5.00 -7.55 21.39
CA TRP A 312 5.87 -6.49 20.91
C TRP A 312 5.41 -5.95 19.57
N PHE A 313 5.01 -6.83 18.65
CA PHE A 313 4.57 -6.39 17.33
C PHE A 313 3.26 -5.62 17.42
N ALA A 314 2.37 -6.01 18.32
CA ALA A 314 1.07 -5.37 18.47
C ALA A 314 1.11 -4.15 19.39
N ARG A 315 2.28 -3.83 19.94
CA ARG A 315 2.43 -2.64 20.78
C ARG A 315 1.93 -1.41 20.03
N ILE A 316 1.15 -0.58 20.71
CA ILE A 316 0.57 0.61 20.11
C ILE A 316 1.25 1.82 20.72
N ASN A 317 1.70 2.75 19.89
CA ASN A 317 2.33 3.96 20.37
C ASN A 317 1.30 4.90 20.97
N PRO A 318 1.43 5.29 22.24
CA PRO A 318 0.42 6.18 22.83
C PRO A 318 0.30 7.52 22.13
N LYS A 319 1.40 8.06 21.60
CA LYS A 319 1.34 9.37 20.99
C LYS A 319 0.57 9.36 19.68
N THR A 320 0.84 8.37 18.83
CA THR A 320 0.26 8.32 17.50
C THR A 320 -0.76 7.20 17.30
N ASN A 321 -0.90 6.30 18.27
CA ASN A 321 -1.83 5.17 18.16
C ASN A 321 -1.48 4.29 16.98
N LEU A 322 -0.19 4.14 16.68
CA LEU A 322 0.29 3.34 15.58
C LEU A 322 1.17 2.21 16.09
N PRO A 323 1.06 1.02 15.51
CA PRO A 323 2.02 -0.05 15.82
C PRO A 323 3.32 0.19 15.07
N ILE A 324 4.35 0.59 15.82
CA ILE A 324 5.60 1.03 15.20
C ILE A 324 6.58 -0.13 14.98
N ASN A 325 6.56 -1.14 15.86
CA ASN A 325 7.61 -2.16 15.84
C ASN A 325 7.63 -2.94 14.54
N GLY A 326 6.45 -3.30 14.02
CA GLY A 326 6.40 -3.94 12.72
C GLY A 326 7.00 -3.07 11.63
N GLY A 327 6.77 -1.76 11.72
CA GLY A 327 7.40 -0.85 10.78
C GLY A 327 8.92 -0.89 10.89
N LEU A 328 9.44 -0.96 12.11
CA LEU A 328 10.89 -1.06 12.28
C LEU A 328 11.45 -2.34 11.67
N VAL A 329 10.75 -3.45 11.87
CA VAL A 329 11.21 -4.72 11.29
C VAL A 329 11.20 -4.63 9.76
N MET A 330 10.11 -4.10 9.20
CA MET A 330 10.04 -3.96 7.75
C MET A 330 11.13 -3.02 7.22
N LEU A 331 11.42 -1.95 7.96
CA LEU A 331 12.48 -1.03 7.56
C LEU A 331 13.83 -1.71 7.58
N GLY A 332 14.10 -2.52 8.60
CA GLY A 332 15.35 -3.26 8.64
C GLY A 332 15.48 -4.22 7.46
N ILE A 333 14.41 -4.95 7.15
CA ILE A 333 14.45 -5.87 6.01
C ILE A 333 14.66 -5.10 4.72
N ALA A 334 13.99 -3.95 4.57
CA ALA A 334 14.13 -3.16 3.36
C ALA A 334 15.55 -2.62 3.22
N ILE A 335 16.17 -2.20 4.33
CA ILE A 335 17.55 -1.73 4.27
C ILE A 335 18.49 -2.86 3.87
N VAL A 336 18.26 -4.06 4.42
CA VAL A 336 19.07 -5.21 4.05
C VAL A 336 18.93 -5.49 2.56
N MET A 337 17.71 -5.42 2.04
CA MET A 337 17.49 -5.62 0.61
C MET A 337 18.19 -4.56 -0.22
N ILE A 338 18.13 -3.30 0.22
CA ILE A 338 18.78 -2.21 -0.50
C ILE A 338 20.28 -2.45 -0.57
N LEU A 339 20.89 -2.85 0.55
CA LEU A 339 22.34 -3.06 0.56
C LEU A 339 22.76 -4.18 -0.38
N THR A 340 21.92 -5.20 -0.54
CA THR A 340 22.26 -6.40 -1.31
C THR A 340 21.20 -6.71 -2.35
N GLY A 341 20.73 -5.69 -3.07
CA GLY A 341 19.71 -5.90 -4.07
C GLY A 341 19.78 -4.87 -5.17
N GLN A 342 18.96 -5.09 -6.20
CA GLN A 342 18.88 -4.18 -7.34
C GLN A 342 17.41 -3.99 -7.71
N PHE A 343 17.15 -2.91 -8.45
CA PHE A 343 15.76 -2.55 -8.76
C PHE A 343 15.07 -3.66 -9.54
N ASN A 344 15.68 -4.11 -10.64
CA ASN A 344 15.05 -5.13 -11.46
C ASN A 344 14.90 -6.45 -10.71
N GLN A 345 15.93 -6.84 -9.97
CA GLN A 345 15.88 -8.09 -9.21
C GLN A 345 14.76 -8.05 -8.18
N LEU A 346 14.68 -6.95 -7.42
CA LEU A 346 13.64 -6.84 -6.40
C LEU A 346 12.26 -6.82 -7.02
N THR A 347 12.08 -6.10 -8.14
CA THR A 347 10.78 -6.07 -8.80
C THR A 347 10.37 -7.46 -9.26
N ASP A 348 11.32 -8.22 -9.84
CA ASP A 348 11.01 -9.58 -10.27
C ASP A 348 10.62 -10.46 -9.09
N LEU A 349 11.34 -10.34 -7.97
CA LEU A 349 11.00 -11.12 -6.78
C LEU A 349 9.60 -10.77 -6.28
N ILE A 350 9.28 -9.47 -6.22
CA ILE A 350 7.96 -9.03 -5.78
C ILE A 350 6.89 -9.64 -6.66
N VAL A 351 7.06 -9.52 -7.98
CA VAL A 351 6.08 -10.06 -8.91
C VAL A 351 5.91 -11.56 -8.69
N PHE A 352 7.03 -12.27 -8.56
CA PHE A 352 6.97 -13.72 -8.40
C PHE A 352 6.14 -14.10 -7.18
N VAL A 353 6.46 -13.54 -6.01
CA VAL A 353 5.77 -13.97 -4.79
C VAL A 353 4.30 -13.54 -4.82
N ILE A 354 4.05 -12.28 -5.22
CA ILE A 354 2.69 -11.78 -5.17
C ILE A 354 1.81 -12.54 -6.13
N TRP A 355 2.34 -12.90 -7.30
CA TRP A 355 1.54 -13.61 -8.27
C TRP A 355 1.38 -15.09 -7.93
N PHE A 356 2.34 -15.68 -7.21
CA PHE A 356 2.11 -17.00 -6.65
C PHE A 356 0.89 -16.99 -5.75
N PHE A 357 0.85 -16.04 -4.80
CA PHE A 357 -0.29 -16.01 -3.89
C PHE A 357 -1.58 -15.59 -4.60
N ILE A 358 -1.48 -14.76 -5.63
CA ILE A 358 -2.66 -14.35 -6.39
C ILE A 358 -3.22 -15.53 -7.18
N THR A 359 -2.35 -16.36 -7.75
CA THR A 359 -2.82 -17.58 -8.41
C THR A 359 -3.49 -18.51 -7.41
N LEU A 360 -2.92 -18.61 -6.20
CA LEU A 360 -3.60 -19.37 -5.16
C LEU A 360 -5.00 -18.80 -4.88
N THR A 361 -5.13 -17.47 -4.91
CA THR A 361 -6.43 -16.84 -4.70
C THR A 361 -7.41 -17.19 -5.83
N PHE A 362 -6.93 -17.20 -7.07
CA PHE A 362 -7.79 -17.59 -8.19
C PHE A 362 -8.28 -19.02 -8.03
N ILE A 363 -7.37 -19.93 -7.68
CA ILE A 363 -7.77 -21.31 -7.44
C ILE A 363 -8.76 -21.37 -6.29
N ALA A 364 -8.58 -20.50 -5.29
CA ALA A 364 -9.54 -20.43 -4.18
C ALA A 364 -10.92 -20.03 -4.68
N VAL A 365 -10.99 -19.07 -5.60
CA VAL A 365 -12.27 -18.67 -6.17
C VAL A 365 -12.92 -19.86 -6.85
N ILE A 366 -12.16 -20.58 -7.66
CA ILE A 366 -12.71 -21.74 -8.37
C ILE A 366 -13.20 -22.78 -7.37
N ILE A 367 -12.43 -23.03 -6.31
CA ILE A 367 -12.82 -24.01 -5.31
C ILE A 367 -14.12 -23.59 -4.63
N LEU A 368 -14.22 -22.32 -4.25
CA LEU A 368 -15.43 -21.83 -3.61
C LEU A 368 -16.64 -21.99 -4.51
N ARG A 369 -16.45 -21.79 -5.82
CA ARG A 369 -17.56 -22.00 -6.75
C ARG A 369 -18.06 -23.44 -6.71
N LYS A 370 -17.23 -24.39 -6.24
CA LYS A 370 -17.61 -25.79 -6.19
C LYS A 370 -17.94 -26.26 -4.78
N THR A 371 -17.07 -25.98 -3.80
CA THR A 371 -17.29 -26.49 -2.45
C THR A 371 -18.54 -25.90 -1.83
N GLN A 372 -18.77 -24.60 -2.02
CA GLN A 372 -19.87 -23.89 -1.39
C GLN A 372 -20.63 -23.11 -2.46
N PRO A 373 -21.42 -23.79 -3.29
CA PRO A 373 -22.21 -23.07 -4.30
C PRO A 373 -23.32 -22.21 -3.73
N ASP A 374 -23.70 -22.43 -2.47
CA ASP A 374 -24.87 -21.78 -1.90
C ASP A 374 -24.58 -20.47 -1.18
N ILE A 375 -23.31 -20.04 -1.14
CA ILE A 375 -23.00 -18.76 -0.52
C ILE A 375 -23.69 -17.65 -1.32
N GLU A 376 -24.12 -16.62 -0.61
CA GLU A 376 -24.68 -15.45 -1.27
C GLU A 376 -23.56 -14.72 -2.01
N ARG A 377 -23.71 -14.61 -3.32
CA ARG A 377 -22.68 -13.99 -4.17
C ARG A 377 -23.22 -12.69 -4.75
N PRO A 378 -22.92 -11.54 -4.15
CA PRO A 378 -23.37 -10.28 -4.76
C PRO A 378 -22.84 -10.08 -6.17
N TYR A 379 -21.62 -10.53 -6.42
CA TYR A 379 -20.96 -10.37 -7.71
C TYR A 379 -20.43 -11.71 -8.17
N ARG A 380 -20.76 -12.08 -9.41
CA ARG A 380 -20.27 -13.30 -10.02
C ARG A 380 -19.37 -12.93 -11.19
N VAL A 381 -18.24 -13.62 -11.32
CA VAL A 381 -17.29 -13.29 -12.38
C VAL A 381 -17.98 -13.47 -13.73
N PRO A 382 -17.76 -12.58 -14.72
CA PRO A 382 -18.54 -12.62 -15.95
C PRO A 382 -18.58 -13.99 -16.62
N PHE A 383 -17.43 -14.54 -16.97
CA PHE A 383 -17.34 -15.83 -17.64
C PHE A 383 -16.53 -16.76 -16.74
N TYR A 384 -17.24 -17.53 -15.91
CA TYR A 384 -16.57 -18.36 -14.92
C TYR A 384 -15.58 -19.35 -15.52
N PRO A 385 -15.91 -20.13 -16.56
CA PRO A 385 -14.94 -21.10 -17.06
C PRO A 385 -13.85 -20.51 -17.95
N VAL A 386 -13.84 -19.19 -18.14
CA VAL A 386 -12.92 -18.58 -19.11
C VAL A 386 -11.98 -17.59 -18.44
N ILE A 387 -12.54 -16.60 -17.75
CA ILE A 387 -11.74 -15.50 -17.19
C ILE A 387 -10.90 -15.98 -16.02
N PRO A 388 -11.46 -16.71 -15.04
CA PRO A 388 -10.58 -17.29 -14.01
C PRO A 388 -9.51 -18.19 -14.59
N LEU A 389 -9.85 -18.97 -15.62
CA LEU A 389 -8.84 -19.84 -16.24
C LEU A 389 -7.74 -19.02 -16.88
N ILE A 390 -8.09 -17.91 -17.54
CA ILE A 390 -7.08 -17.05 -18.15
C ILE A 390 -6.17 -16.48 -17.06
N ALA A 391 -6.76 -16.02 -15.96
CA ALA A 391 -5.95 -15.46 -14.89
C ALA A 391 -5.02 -16.50 -14.28
N ILE A 392 -5.52 -17.72 -14.07
CA ILE A 392 -4.70 -18.78 -13.52
C ILE A 392 -3.58 -19.17 -14.47
N ILE A 393 -3.88 -19.23 -15.77
CA ILE A 393 -2.84 -19.55 -16.75
C ILE A 393 -1.77 -18.47 -16.74
N GLY A 394 -2.18 -17.21 -16.69
CA GLY A 394 -1.20 -16.14 -16.60
C GLY A 394 -0.32 -16.26 -15.36
N GLY A 395 -0.94 -16.51 -14.22
CA GLY A 395 -0.18 -16.64 -12.99
C GLY A 395 0.79 -17.80 -13.02
N LEU A 396 0.34 -18.97 -13.50
CA LEU A 396 1.21 -20.13 -13.59
C LEU A 396 2.35 -19.88 -14.56
N TYR A 397 2.07 -19.23 -15.69
CA TYR A 397 3.14 -18.90 -16.63
C TYR A 397 4.16 -17.99 -15.98
N ILE A 398 3.70 -16.97 -15.24
CA ILE A 398 4.63 -16.08 -14.56
C ILE A 398 5.51 -16.86 -13.60
N ILE A 399 4.89 -17.71 -12.78
CA ILE A 399 5.63 -18.44 -11.76
C ILE A 399 6.68 -19.34 -12.41
N PHE A 400 6.27 -20.12 -13.41
CA PHE A 400 7.18 -21.09 -14.01
C PHE A 400 8.27 -20.41 -14.82
N ASN A 401 7.93 -19.34 -15.55
CA ASN A 401 8.94 -18.63 -16.30
C ASN A 401 9.97 -17.97 -15.38
N THR A 402 9.50 -17.40 -14.26
CA THR A 402 10.46 -16.84 -13.29
C THR A 402 11.34 -17.92 -12.70
N LEU A 403 10.76 -19.08 -12.38
CA LEU A 403 11.56 -20.17 -11.83
C LEU A 403 12.62 -20.63 -12.81
N ILE A 404 12.26 -20.79 -14.08
CA ILE A 404 13.20 -21.29 -15.07
C ILE A 404 14.27 -20.25 -15.39
N VAL A 405 13.86 -18.99 -15.52
CA VAL A 405 14.78 -17.96 -15.98
C VAL A 405 15.57 -17.34 -14.82
N GLN A 406 15.00 -17.24 -13.63
CA GLN A 406 15.64 -16.64 -12.48
C GLN A 406 15.59 -17.59 -11.29
N PRO A 407 16.39 -18.66 -11.32
CA PRO A 407 16.37 -19.61 -10.20
C PRO A 407 16.72 -18.97 -8.88
N LYS A 408 17.62 -17.99 -8.86
CA LYS A 408 18.08 -17.40 -7.61
C LYS A 408 16.96 -16.60 -6.93
N ASN A 409 16.24 -15.78 -7.70
CA ASN A 409 15.16 -14.97 -7.11
C ASN A 409 14.04 -15.86 -6.58
N ALA A 410 13.62 -16.84 -7.37
CA ALA A 410 12.59 -17.75 -6.92
C ALA A 410 13.05 -18.53 -5.68
N PHE A 411 14.32 -18.93 -5.66
CA PHE A 411 14.85 -19.63 -4.50
C PHE A 411 14.81 -18.74 -3.27
N ILE A 412 15.14 -17.45 -3.42
CA ILE A 412 15.11 -16.54 -2.29
C ILE A 412 13.70 -16.41 -1.74
N GLY A 413 12.73 -16.20 -2.62
CA GLY A 413 11.35 -16.07 -2.16
C GLY A 413 10.84 -17.33 -1.49
N ILE A 414 11.12 -18.48 -2.10
CA ILE A 414 10.67 -19.76 -1.55
C ILE A 414 11.33 -20.00 -0.20
N LEU A 415 12.61 -19.67 -0.07
CA LEU A 415 13.31 -19.86 1.19
C LEU A 415 12.73 -18.98 2.28
N LEU A 416 12.40 -17.73 1.96
CA LEU A 416 11.81 -16.86 2.97
C LEU A 416 10.45 -17.38 3.43
N THR A 417 9.62 -17.83 2.49
CA THR A 417 8.32 -18.37 2.86
C THR A 417 8.46 -19.65 3.69
N LEU A 418 9.38 -20.54 3.29
CA LEU A 418 9.60 -21.77 4.05
C LEU A 418 10.24 -21.51 5.38
N ILE A 419 10.91 -20.36 5.55
CA ILE A 419 11.31 -19.94 6.89
C ILE A 419 10.09 -19.49 7.69
N GLY A 420 9.15 -18.83 7.02
CA GLY A 420 7.93 -18.42 7.70
C GLY A 420 7.13 -19.57 8.26
N ILE A 421 7.11 -20.69 7.55
CA ILE A 421 6.29 -21.84 7.97
C ILE A 421 6.64 -22.33 9.38
N PRO A 422 7.90 -22.68 9.69
CA PRO A 422 8.19 -23.13 11.06
C PRO A 422 7.92 -22.06 12.09
N ILE A 423 8.02 -20.79 11.72
CA ILE A 423 7.59 -19.73 12.61
C ILE A 423 6.11 -19.88 12.93
N TYR A 424 5.31 -20.21 11.92
CA TYR A 424 3.89 -20.44 12.17
C TYR A 424 3.69 -21.59 13.15
N PHE A 425 4.39 -22.70 12.94
CA PHE A 425 4.19 -23.85 13.82
C PHE A 425 4.62 -23.52 15.25
N TYR A 426 5.76 -22.85 15.42
CA TYR A 426 6.22 -22.48 16.75
C TYR A 426 5.24 -21.52 17.41
N CYS A 427 4.70 -20.58 16.65
CA CYS A 427 3.77 -19.62 17.22
C CYS A 427 2.45 -20.29 17.61
N LYS A 428 2.02 -21.27 16.84
CA LYS A 428 0.85 -22.05 17.23
C LYS A 428 1.12 -22.81 18.51
N LYS A 429 2.32 -23.39 18.64
CA LYS A 429 2.66 -24.11 19.86
C LYS A 429 2.69 -23.19 21.07
N LYS A 430 3.26 -21.99 20.93
CA LYS A 430 3.49 -21.11 22.07
C LYS A 430 2.35 -20.12 22.30
N TYR A 431 1.37 -20.06 21.41
CA TYR A 431 0.27 -19.09 21.51
C TYR A 431 0.81 -17.67 21.64
N GLY A 432 1.54 -17.25 20.61
CA GLY A 432 2.12 -15.91 20.57
C GLY A 432 3.08 -15.62 21.70
N VAL B 4 -22.70 1.82 19.74
CA VAL B 4 -21.39 2.21 20.26
C VAL B 4 -21.58 3.61 20.84
N GLN B 5 -21.77 3.69 22.15
CA GLN B 5 -22.02 4.96 22.82
C GLN B 5 -20.83 5.33 23.69
N LEU B 6 -20.66 6.64 23.89
CA LEU B 6 -19.60 7.16 24.75
C LEU B 6 -20.20 8.33 25.51
N VAL B 7 -20.57 8.10 26.75
CA VAL B 7 -21.24 9.10 27.58
C VAL B 7 -20.20 9.69 28.53
N GLU B 8 -20.01 11.01 28.44
CA GLU B 8 -19.07 11.72 29.29
C GLU B 8 -19.81 12.37 30.45
N SER B 9 -19.03 12.97 31.36
CA SER B 9 -19.58 13.66 32.52
C SER B 9 -18.42 14.28 33.29
N GLY B 10 -18.77 15.13 34.25
CA GLY B 10 -17.81 15.74 35.15
C GLY B 10 -17.40 17.15 34.78
N GLY B 11 -17.60 17.56 33.53
CA GLY B 11 -17.22 18.90 33.13
C GLY B 11 -18.18 19.95 33.63
N GLY B 12 -17.72 21.19 33.60
CA GLY B 12 -18.54 22.31 34.01
C GLY B 12 -17.69 23.45 34.54
N LEU B 13 -18.38 24.49 34.99
CA LEU B 13 -17.73 25.66 35.55
C LEU B 13 -16.91 25.27 36.78
N VAL B 14 -15.68 25.77 36.85
CA VAL B 14 -14.80 25.50 37.98
C VAL B 14 -13.83 26.66 38.11
N GLN B 15 -13.46 26.97 39.35
CA GLN B 15 -12.48 28.01 39.60
C GLN B 15 -11.09 27.48 39.18
N ALA B 16 -10.26 28.39 38.65
CA ALA B 16 -8.86 28.12 38.31
C ALA B 16 -8.13 27.44 39.45
N GLY B 17 -7.32 26.45 39.09
CA GLY B 17 -6.60 25.65 40.03
C GLY B 17 -7.38 24.49 40.60
N GLY B 18 -8.61 24.27 40.15
CA GLY B 18 -9.43 23.18 40.63
C GLY B 18 -9.01 21.86 40.04
N SER B 19 -9.84 20.85 40.27
CA SER B 19 -9.57 19.50 39.80
C SER B 19 -10.88 18.84 39.41
N LEU B 20 -11.03 18.52 38.12
CA LEU B 20 -12.19 17.80 37.62
C LEU B 20 -11.76 16.46 37.04
N ARG B 21 -12.54 15.44 37.30
CA ARG B 21 -12.36 14.14 36.68
C ARG B 21 -13.47 13.93 35.66
N LEU B 22 -13.12 13.57 34.45
CA LEU B 22 -14.06 13.43 33.35
C LEU B 22 -14.24 11.94 33.08
N SER B 23 -15.26 11.37 33.71
CA SER B 23 -15.58 9.99 33.42
C SER B 23 -16.17 9.86 32.02
N CYS B 24 -15.93 8.72 31.39
CA CYS B 24 -16.46 8.47 30.06
C CYS B 24 -16.76 6.98 29.95
N ALA B 25 -18.02 6.62 30.19
CA ALA B 25 -18.43 5.23 30.13
C ALA B 25 -18.67 4.82 28.68
N ALA B 26 -18.00 3.76 28.25
CA ALA B 26 -18.08 3.28 26.88
C ALA B 26 -18.85 1.96 26.86
N SER B 27 -19.80 1.85 25.93
CA SER B 27 -20.60 0.64 25.78
C SER B 27 -20.66 0.25 24.31
N GLY B 28 -20.71 -1.05 24.07
CA GLY B 28 -20.82 -1.57 22.72
C GLY B 28 -19.52 -1.70 21.97
N ILE B 29 -18.37 -1.50 22.63
CA ILE B 29 -17.07 -1.66 22.01
C ILE B 29 -16.19 -2.54 22.89
N ALA B 30 -15.17 -3.12 22.25
CA ALA B 30 -14.17 -3.92 22.96
C ALA B 30 -13.25 -2.97 23.71
N PHE B 31 -13.73 -2.54 24.89
CA PHE B 31 -13.03 -1.51 25.65
C PHE B 31 -11.60 -1.92 25.98
N SER B 32 -11.41 -3.19 26.37
CA SER B 32 -10.08 -3.65 26.74
C SER B 32 -9.11 -3.55 25.58
N ARG B 33 -9.59 -3.69 24.34
CA ARG B 33 -8.73 -3.68 23.17
C ARG B 33 -8.57 -2.29 22.55
N MET B 34 -9.30 -1.29 23.02
CA MET B 34 -9.31 0.03 22.41
C MET B 34 -8.40 0.97 23.18
N SER B 35 -7.82 1.92 22.43
CA SER B 35 -7.00 2.98 23.01
C SER B 35 -7.87 4.20 23.22
N MET B 36 -8.20 4.48 24.49
CA MET B 36 -9.11 5.56 24.82
C MET B 36 -8.31 6.86 24.99
N ALA B 37 -8.80 7.93 24.38
CA ALA B 37 -8.11 9.21 24.38
C ALA B 37 -9.08 10.32 24.74
N TRP B 38 -8.53 11.48 25.06
CA TRP B 38 -9.31 12.67 25.34
C TRP B 38 -8.82 13.79 24.44
N TYR B 39 -9.73 14.37 23.66
CA TYR B 39 -9.39 15.43 22.74
C TYR B 39 -9.95 16.75 23.24
N ARG B 40 -9.38 17.84 22.73
CA ARG B 40 -9.80 19.19 23.06
C ARG B 40 -10.13 19.93 21.79
N GLN B 41 -11.28 20.58 21.76
CA GLN B 41 -11.75 21.32 20.59
C GLN B 41 -12.13 22.73 21.04
N ASP B 42 -11.21 23.67 20.88
CA ASP B 42 -11.50 25.06 21.19
C ASP B 42 -12.48 25.61 20.15
N PRO B 43 -13.19 26.69 20.48
CA PRO B 43 -14.19 27.22 19.55
C PRO B 43 -13.56 27.56 18.20
N GLY B 44 -14.28 27.19 17.14
CA GLY B 44 -13.82 27.48 15.79
C GLY B 44 -12.46 26.88 15.47
N LYS B 45 -12.20 25.66 15.93
CA LYS B 45 -10.93 25.00 15.70
C LYS B 45 -11.18 23.52 15.47
N GLN B 46 -10.12 22.73 15.49
CA GLN B 46 -10.19 21.29 15.28
C GLN B 46 -9.67 20.57 16.51
N ARG B 47 -10.19 19.36 16.73
CA ARG B 47 -9.85 18.61 17.93
C ARG B 47 -8.36 18.38 18.02
N ALA B 48 -7.80 18.63 19.20
CA ALA B 48 -6.38 18.45 19.48
C ALA B 48 -6.24 17.45 20.61
N LEU B 49 -5.42 16.43 20.41
CA LEU B 49 -5.24 15.39 21.41
C LEU B 49 -4.70 15.99 22.70
N VAL B 50 -5.31 15.59 23.81
CA VAL B 50 -4.86 16.00 25.14
C VAL B 50 -4.15 14.88 25.87
N ALA B 51 -4.73 13.68 25.85
CA ALA B 51 -4.12 12.54 26.50
C ALA B 51 -4.70 11.27 25.90
N ARG B 52 -3.86 10.24 25.81
CA ARG B 52 -4.27 8.93 25.31
C ARG B 52 -3.67 7.85 26.19
N ILE B 53 -4.42 6.78 26.38
CA ILE B 53 -3.96 5.62 27.12
C ILE B 53 -4.24 4.38 26.29
N THR B 54 -3.20 3.60 26.01
CA THR B 54 -3.35 2.43 25.16
C THR B 54 -3.91 1.26 25.97
N ASN B 55 -4.25 0.18 25.27
CA ASN B 55 -4.82 -0.99 25.93
C ASN B 55 -3.84 -1.62 26.91
N ASP B 56 -2.55 -1.41 26.73
CA ASP B 56 -1.53 -1.99 27.60
C ASP B 56 -1.16 -1.07 28.77
N GLY B 57 -1.81 0.08 28.88
CA GLY B 57 -1.58 0.99 29.98
C GLY B 57 -0.64 2.14 29.68
N SER B 58 0.09 2.08 28.56
CA SER B 58 0.98 3.18 28.20
C SER B 58 0.15 4.43 27.91
N THR B 59 0.62 5.56 28.42
CA THR B 59 -0.11 6.82 28.33
C THR B 59 0.75 7.89 27.68
N TYR B 60 0.09 8.80 26.96
CA TYR B 60 0.73 9.96 26.38
C TYR B 60 -0.04 11.20 26.81
N TYR B 61 0.69 12.26 27.13
CA TYR B 61 0.10 13.51 27.56
C TYR B 61 0.60 14.64 26.67
N ASP B 62 -0.28 15.59 26.36
CA ASP B 62 0.12 16.76 25.62
C ASP B 62 1.11 17.58 26.44
N ASP B 63 2.02 18.27 25.73
CA ASP B 63 3.05 19.05 26.42
C ASP B 63 2.44 20.11 27.31
N SER B 64 1.26 20.62 26.96
CA SER B 64 0.62 21.66 27.74
C SER B 64 -0.14 21.13 28.96
N VAL B 65 -0.24 19.80 29.11
CA VAL B 65 -0.99 19.23 30.22
C VAL B 65 -0.12 18.25 31.00
N LYS B 66 1.06 17.95 30.47
CA LYS B 66 1.95 16.99 31.12
C LYS B 66 2.29 17.46 32.53
N GLY B 67 2.18 16.55 33.50
CA GLY B 67 2.43 16.85 34.89
C GLY B 67 1.23 17.32 35.66
N ARG B 68 0.12 17.65 34.98
CA ARG B 68 -1.10 18.10 35.64
C ARG B 68 -2.26 17.14 35.41
N PHE B 69 -2.47 16.71 34.17
CA PHE B 69 -3.54 15.80 33.83
C PHE B 69 -3.08 14.37 34.03
N THR B 70 -4.03 13.50 34.38
CA THR B 70 -3.74 12.08 34.60
C THR B 70 -4.88 11.27 34.00
N ILE B 71 -4.61 10.58 32.89
CA ILE B 71 -5.61 9.75 32.24
C ILE B 71 -5.46 8.32 32.76
N SER B 72 -6.57 7.74 33.20
CA SER B 72 -6.58 6.39 33.72
C SER B 72 -7.80 5.66 33.20
N ARG B 73 -7.62 4.39 32.85
CA ARG B 73 -8.70 3.55 32.38
C ARG B 73 -8.90 2.39 33.34
N ASP B 74 -10.14 1.94 33.44
CA ASP B 74 -10.47 0.79 34.30
C ASP B 74 -11.44 -0.08 33.49
N ASN B 75 -10.91 -1.18 32.95
CA ASN B 75 -11.70 -2.03 32.07
C ASN B 75 -12.86 -2.70 32.79
N ALA B 76 -12.86 -2.74 34.12
CA ALA B 76 -13.94 -3.39 34.83
C ALA B 76 -15.28 -2.72 34.56
N LYS B 77 -15.34 -1.41 34.68
CA LYS B 77 -16.56 -0.66 34.45
C LYS B 77 -16.62 -0.04 33.06
N ASN B 78 -15.59 -0.24 32.23
CA ASN B 78 -15.54 0.30 30.88
C ASN B 78 -15.67 1.83 30.90
N THR B 79 -14.83 2.47 31.73
CA THR B 79 -14.83 3.92 31.86
C THR B 79 -13.40 4.44 31.80
N VAL B 80 -13.27 5.71 31.42
CA VAL B 80 -11.99 6.40 31.35
C VAL B 80 -12.13 7.73 32.08
N HIS B 81 -11.12 8.05 32.88
CA HIS B 81 -11.13 9.27 33.67
C HIS B 81 -9.94 10.15 33.28
N LEU B 82 -10.06 11.43 33.60
CA LEU B 82 -9.02 12.39 33.27
C LEU B 82 -8.97 13.40 34.40
N GLN B 83 -8.07 13.18 35.35
CA GLN B 83 -7.95 14.04 36.53
C GLN B 83 -7.22 15.33 36.12
N MET B 84 -8.00 16.38 35.83
CA MET B 84 -7.43 17.68 35.43
C MET B 84 -7.06 18.49 36.67
N ASN B 85 -5.92 18.15 37.25
CA ASN B 85 -5.43 18.87 38.40
C ASN B 85 -4.80 20.19 37.97
N SER B 86 -4.87 21.17 38.87
CA SER B 86 -4.23 22.47 38.68
C SER B 86 -4.67 23.11 37.36
N LEU B 87 -5.98 23.29 37.23
CA LEU B 87 -6.54 23.88 36.02
C LEU B 87 -6.08 25.32 35.87
N LYS B 88 -6.00 25.77 34.63
CA LYS B 88 -5.54 27.10 34.29
C LYS B 88 -6.54 27.74 33.33
N PRO B 89 -6.61 29.08 33.29
CA PRO B 89 -7.66 29.71 32.49
C PRO B 89 -7.67 29.33 31.02
N GLU B 90 -6.50 29.21 30.39
CA GLU B 90 -6.44 28.84 28.98
C GLU B 90 -6.89 27.41 28.72
N ASP B 91 -7.05 26.59 29.76
CA ASP B 91 -7.51 25.23 29.58
C ASP B 91 -8.99 25.14 29.21
N THR B 92 -9.74 26.24 29.29
CA THR B 92 -11.16 26.20 28.98
C THR B 92 -11.38 25.76 27.54
N ALA B 93 -12.16 24.71 27.35
CA ALA B 93 -12.49 24.20 26.02
C ALA B 93 -13.55 23.12 26.20
N VAL B 94 -13.89 22.46 25.10
CA VAL B 94 -14.83 21.34 25.11
C VAL B 94 -14.01 20.07 24.91
N TYR B 95 -14.09 19.16 25.86
CA TYR B 95 -13.28 17.95 25.87
C TYR B 95 -14.12 16.78 25.39
N TYR B 96 -13.61 16.07 24.38
CA TYR B 96 -14.28 14.91 23.83
C TYR B 96 -13.61 13.64 24.33
N CYS B 97 -14.37 12.56 24.34
CA CYS B 97 -13.86 11.25 24.71
C CYS B 97 -13.80 10.39 23.45
N ASN B 98 -12.61 9.88 23.15
CA ASN B 98 -12.37 9.09 21.96
C ASN B 98 -12.09 7.64 22.34
N ALA B 99 -12.30 6.75 21.36
CA ALA B 99 -12.04 5.33 21.54
C ALA B 99 -11.68 4.76 20.17
N GLN B 100 -10.39 4.58 19.92
CA GLN B 100 -9.92 4.11 18.63
C GLN B 100 -9.01 2.91 18.83
N LEU B 101 -9.25 1.83 18.07
CA LEU B 101 -8.43 0.64 18.20
C LEU B 101 -7.02 0.89 17.70
N VAL B 102 -6.87 1.48 16.51
CA VAL B 102 -5.58 1.75 15.91
C VAL B 102 -5.74 2.97 15.01
N ALA B 103 -4.62 3.63 14.69
CA ALA B 103 -4.65 4.91 14.01
C ALA B 103 -5.52 4.89 12.76
N TRP B 104 -5.48 3.79 12.01
CA TRP B 104 -6.24 3.70 10.77
C TRP B 104 -7.64 3.12 10.96
N SER B 105 -8.02 2.80 12.20
CA SER B 105 -9.36 2.29 12.44
C SER B 105 -10.36 3.42 12.60
N GLU B 106 -11.63 3.06 12.65
CA GLU B 106 -12.69 4.06 12.77
C GLU B 106 -12.65 4.71 14.14
N ASN B 107 -12.82 6.03 14.16
CA ASN B 107 -12.75 6.81 15.38
C ASN B 107 -14.13 6.92 16.01
N TYR B 108 -14.24 6.57 17.28
CA TYR B 108 -15.47 6.68 18.04
C TYR B 108 -15.39 7.87 18.96
N TRP B 109 -16.36 8.78 18.85
CA TRP B 109 -16.35 10.03 19.60
C TRP B 109 -17.53 10.07 20.56
N GLY B 110 -17.33 10.78 21.67
CA GLY B 110 -18.40 11.02 22.62
C GLY B 110 -19.15 12.29 22.32
N GLN B 111 -20.13 12.58 23.18
CA GLN B 111 -20.98 13.75 22.98
C GLN B 111 -20.22 15.06 23.17
N GLY B 112 -19.09 15.04 23.86
CA GLY B 112 -18.34 16.25 24.13
C GLY B 112 -18.84 16.97 25.37
N THR B 113 -17.91 17.34 26.26
CA THR B 113 -18.24 18.00 27.51
C THR B 113 -17.56 19.36 27.57
N GLN B 114 -18.28 20.35 28.09
CA GLN B 114 -17.79 21.70 28.21
C GLN B 114 -17.21 21.92 29.60
N VAL B 115 -15.95 22.36 29.66
CA VAL B 115 -15.30 22.72 30.91
C VAL B 115 -14.65 24.09 30.72
N THR B 116 -14.92 24.99 31.66
CA THR B 116 -14.39 26.35 31.60
C THR B 116 -13.82 26.73 32.96
N VAL B 117 -12.81 27.57 32.93
CA VAL B 117 -12.13 28.06 34.14
C VAL B 117 -12.55 29.50 34.35
N SER B 118 -13.27 29.76 35.44
CA SER B 118 -13.79 31.11 35.69
C SER B 118 -12.67 32.12 35.88
N SER B 119 -11.66 31.76 36.68
CA SER B 119 -10.55 32.68 36.92
C SER B 119 -9.37 32.36 36.01
N ALA C . 2.01 0.08 -9.49
CA ALA C . 3.24 0.24 -8.71
C ALA C . 4.27 1.13 -9.39
O ALA C . 5.31 1.39 -8.81
CB ALA C . 3.85 -1.11 -8.44
OXT ALA C . 4.01 1.61 -10.53
#